data_3AUX
#
_entry.id   3AUX
#
_cell.length_a   126.137
_cell.length_b   126.137
_cell.length_c   71.109
_cell.angle_alpha   90.00
_cell.angle_beta   90.00
_cell.angle_gamma   120.00
#
_symmetry.space_group_name_H-M   'P 3 2 1'
#
loop_
_entity.id
_entity.type
_entity.pdbx_description
1 polymer 'DNA double-strand break repair rad50 ATPase'
2 non-polymer "ADENOSINE-5'-DIPHOSPHATE"
3 non-polymer 'MAGNESIUM ION'
4 water water
#
_entity_poly.entity_id   1
_entity_poly.type   'polypeptide(L)'
_entity_poly.pdbx_seq_one_letter_code
;MSMILKEIRMNNFKSHVNSRIKFEKGIVAIIGENGSGKSSIFEAVFFALFGAGSNFNYDTIITKGKKSVYVELDFEVNGN
NYKIIREYDSGRGGAKLYKNGKPYATTISAVNKAVNEILGVDRNMFLNSIYIKQGEIAKFLSLKPSEKLETVAKLLGIDE
FEKCYQKMGEIVKEYEKRLERIEGELNYKEESLKARLKEMSNLEKEKEKLTKFVEYLDKVRRIFGRNGFQAYLREKYVPL
IQKYLNEAFSEFDLPYSFVELTKDFEVRVHAPNGVLTIDNLSGGEQIAVALSLRLAIANALIGNRVECIILDEPTVYLDE
NRRAKLAEIFRKVKSIPQMIIITHHRELEDVADVIINVKKDGNVSKVKING
;
_entity_poly.pdbx_strand_id   A
#
loop_
_chem_comp.id
_chem_comp.type
_chem_comp.name
_chem_comp.formula
ADP non-polymer ADENOSINE-5'-DIPHOSPHATE 'C10 H15 N5 O10 P2'
MG non-polymer 'MAGNESIUM ION' 'Mg 2'
#
# COMPACT_ATOMS: atom_id res chain seq x y z
N MET A 1 -0.25 -11.69 3.72
CA MET A 1 0.19 -10.36 4.24
C MET A 1 0.87 -9.52 3.14
N SER A 2 2.09 -9.87 2.76
CA SER A 2 2.78 -9.12 1.70
C SER A 2 3.05 -9.98 0.47
N MET A 3 2.87 -9.36 -0.69
CA MET A 3 3.01 -10.02 -1.97
C MET A 3 4.20 -9.67 -2.82
N ILE A 4 4.32 -10.41 -3.92
CA ILE A 4 5.35 -10.23 -4.93
C ILE A 4 4.59 -10.10 -6.25
N LEU A 5 4.77 -8.97 -6.92
CA LEU A 5 4.11 -8.76 -8.20
C LEU A 5 4.90 -9.57 -9.25
N LYS A 6 4.21 -10.46 -9.97
CA LYS A 6 4.85 -11.27 -10.99
C LYS A 6 4.55 -10.75 -12.40
N GLU A 7 3.27 -10.62 -12.74
CA GLU A 7 2.93 -10.14 -14.06
C GLU A 7 1.53 -9.54 -14.19
N ILE A 8 1.46 -8.38 -14.81
CA ILE A 8 0.20 -7.69 -15.04
C ILE A 8 -0.01 -7.68 -16.56
N ARG A 9 -1.27 -7.73 -16.98
CA ARG A 9 -1.61 -7.74 -18.39
C ARG A 9 -2.93 -7.02 -18.50
N MET A 10 -2.98 -5.96 -19.31
CA MET A 10 -4.22 -5.22 -19.45
C MET A 10 -4.74 -5.13 -20.88
N ASN A 11 -6.05 -4.93 -20.98
CA ASN A 11 -6.73 -4.77 -22.26
C ASN A 11 -7.71 -3.62 -22.16
N ASN A 12 -7.42 -2.57 -22.92
CA ASN A 12 -8.24 -1.37 -22.96
C ASN A 12 -8.33 -0.71 -21.59
N PHE A 13 -7.21 -0.67 -20.89
CA PHE A 13 -7.17 -0.03 -19.59
C PHE A 13 -6.55 1.34 -19.79
N LYS A 14 -7.39 2.37 -19.75
CA LYS A 14 -6.91 3.72 -19.93
C LYS A 14 -5.94 3.74 -21.11
N SER A 15 -4.82 4.42 -20.93
CA SER A 15 -3.84 4.52 -21.99
C SER A 15 -3.36 3.18 -22.56
N HIS A 16 -3.39 2.13 -21.74
CA HIS A 16 -2.94 0.78 -22.16
C HIS A 16 -4.04 -0.03 -22.84
N VAL A 17 -4.15 0.10 -24.15
CA VAL A 17 -5.17 -0.64 -24.90
C VAL A 17 -4.77 -2.11 -24.90
N ASN A 18 -3.45 -2.34 -24.96
CA ASN A 18 -2.94 -3.71 -24.95
C ASN A 18 -1.48 -3.69 -24.48
N SER A 19 -1.28 -4.01 -23.20
CA SER A 19 0.05 -4.04 -22.61
C SER A 19 0.27 -5.26 -21.71
N ARG A 20 1.47 -5.81 -21.74
CA ARG A 20 1.80 -6.96 -20.91
C ARG A 20 3.10 -6.64 -20.19
N ILE A 21 3.09 -6.68 -18.87
CA ILE A 21 4.28 -6.35 -18.09
C ILE A 21 4.67 -7.36 -17.02
N LYS A 22 5.93 -7.76 -17.08
CA LYS A 22 6.47 -8.73 -16.15
C LYS A 22 7.38 -8.03 -15.17
N PHE A 23 7.21 -8.31 -13.89
CA PHE A 23 8.05 -7.71 -12.85
C PHE A 23 9.07 -8.73 -12.30
N GLU A 24 10.20 -8.23 -11.83
CA GLU A 24 11.24 -9.08 -11.28
C GLU A 24 11.52 -8.71 -9.83
N LYS A 25 12.21 -9.60 -9.13
CA LYS A 25 12.61 -9.31 -7.75
C LYS A 25 13.77 -8.32 -7.92
N GLY A 26 14.14 -7.63 -6.85
CA GLY A 26 15.21 -6.65 -6.95
C GLY A 26 14.64 -5.26 -7.16
N ILE A 27 15.43 -4.37 -7.76
CA ILE A 27 14.94 -3.02 -8.01
C ILE A 27 14.42 -2.87 -9.44
N VAL A 28 13.14 -2.53 -9.56
CA VAL A 28 12.55 -2.34 -10.87
C VAL A 28 12.27 -0.87 -11.07
N ALA A 29 12.76 -0.31 -12.18
CA ALA A 29 12.50 1.10 -12.48
C ALA A 29 11.56 1.22 -13.70
N ILE A 30 10.39 1.83 -13.50
CA ILE A 30 9.44 2.07 -14.58
C ILE A 30 9.72 3.51 -14.98
N ILE A 31 10.45 3.70 -16.07
CA ILE A 31 10.83 5.03 -16.51
C ILE A 31 10.08 5.50 -17.74
N GLY A 32 9.62 6.74 -17.71
CA GLY A 32 8.87 7.27 -18.85
C GLY A 32 8.42 8.70 -18.67
N GLU A 33 8.45 9.48 -19.74
CA GLU A 33 8.04 10.88 -19.68
C GLU A 33 6.68 11.02 -19.00
N ASN A 34 6.44 12.19 -18.44
CA ASN A 34 5.21 12.49 -17.76
C ASN A 34 4.03 12.21 -18.70
N GLY A 35 2.97 11.58 -18.18
CA GLY A 35 1.81 11.30 -19.01
C GLY A 35 1.87 10.07 -19.91
N SER A 36 2.99 9.35 -19.88
CA SER A 36 3.20 8.17 -20.72
C SER A 36 2.47 6.89 -20.35
N GLY A 37 1.82 6.83 -19.19
CA GLY A 37 1.08 5.64 -18.81
C GLY A 37 1.69 4.71 -17.77
N LYS A 38 2.59 5.23 -16.92
CA LYS A 38 3.23 4.41 -15.88
C LYS A 38 2.28 4.10 -14.72
N SER A 39 1.72 5.15 -14.11
CA SER A 39 0.83 4.99 -12.97
C SER A 39 -0.45 4.19 -13.26
N SER A 40 -0.81 4.06 -14.54
CA SER A 40 -1.99 3.29 -14.90
C SER A 40 -1.71 1.81 -14.70
N ILE A 41 -0.44 1.43 -14.94
CA ILE A 41 0.06 0.06 -14.78
C ILE A 41 -0.33 -0.49 -13.41
N PHE A 42 -0.07 0.32 -12.38
CA PHE A 42 -0.35 -0.06 -11.02
C PHE A 42 -1.79 0.26 -10.64
N GLU A 43 -2.42 1.10 -11.44
CA GLU A 43 -3.80 1.42 -11.21
C GLU A 43 -4.46 0.09 -11.55
N ALA A 44 -4.02 -0.50 -12.66
CA ALA A 44 -4.54 -1.78 -13.15
C ALA A 44 -4.27 -2.90 -12.15
N VAL A 45 -3.10 -2.86 -11.53
CA VAL A 45 -2.71 -3.85 -10.54
C VAL A 45 -3.66 -3.79 -9.33
N PHE A 46 -3.97 -2.57 -8.89
CA PHE A 46 -4.85 -2.39 -7.74
C PHE A 46 -6.29 -2.70 -8.16
N PHE A 47 -6.66 -2.34 -9.38
CA PHE A 47 -8.00 -2.65 -9.84
C PHE A 47 -8.17 -4.16 -9.95
N ALA A 48 -7.11 -4.83 -10.39
CA ALA A 48 -7.18 -6.27 -10.52
C ALA A 48 -7.45 -6.88 -9.15
N LEU A 49 -6.75 -6.40 -8.13
CA LEU A 49 -6.90 -6.91 -6.76
C LEU A 49 -8.21 -6.66 -6.04
N PHE A 50 -8.77 -5.46 -6.15
CA PHE A 50 -10.01 -5.17 -5.44
C PHE A 50 -11.18 -4.85 -6.35
N GLY A 51 -10.97 -5.05 -7.64
CA GLY A 51 -12.01 -4.77 -8.60
C GLY A 51 -12.66 -3.41 -8.43
N ALA A 52 -13.80 -3.23 -9.07
CA ALA A 52 -14.55 -1.99 -9.02
C ALA A 52 -15.23 -1.82 -7.66
N GLY A 53 -15.59 -0.59 -7.34
CA GLY A 53 -16.27 -0.33 -6.08
C GLY A 53 -17.76 -0.43 -6.33
N SER A 54 -18.56 -0.14 -5.30
CA SER A 54 -20.00 -0.20 -5.45
C SER A 54 -20.45 1.03 -6.25
N ASN A 55 -21.13 0.79 -7.37
CA ASN A 55 -21.60 1.87 -8.24
C ASN A 55 -20.39 2.65 -8.76
N PHE A 56 -19.44 1.92 -9.34
CA PHE A 56 -18.22 2.49 -9.88
C PHE A 56 -18.35 2.88 -11.35
N ASN A 57 -17.84 4.06 -11.70
CA ASN A 57 -17.91 4.57 -13.06
C ASN A 57 -16.79 3.95 -13.92
N TYR A 58 -17.14 2.89 -14.66
CA TYR A 58 -16.18 2.18 -15.51
C TYR A 58 -15.58 2.96 -16.68
N ASP A 59 -15.86 4.26 -16.78
CA ASP A 59 -15.30 5.05 -17.88
C ASP A 59 -13.91 5.52 -17.48
N THR A 60 -13.67 5.58 -16.18
CA THR A 60 -12.39 6.02 -15.65
C THR A 60 -11.24 5.08 -16.03
N ILE A 61 -11.50 3.77 -16.01
CA ILE A 61 -10.49 2.78 -16.34
C ILE A 61 -10.50 2.31 -17.81
N ILE A 62 -11.69 2.21 -18.40
CA ILE A 62 -11.77 1.75 -19.79
C ILE A 62 -11.23 2.78 -20.77
N THR A 63 -10.30 2.36 -21.64
CA THR A 63 -9.76 3.27 -22.62
C THR A 63 -10.94 3.88 -23.35
N LYS A 64 -10.98 5.20 -23.41
CA LYS A 64 -12.08 5.92 -24.05
C LYS A 64 -12.53 5.40 -25.41
N GLY A 65 -11.63 4.79 -26.15
CA GLY A 65 -12.00 4.27 -27.44
C GLY A 65 -13.31 3.48 -27.42
N LYS A 66 -13.33 2.36 -26.71
CA LYS A 66 -14.53 1.50 -26.65
C LYS A 66 -15.15 1.33 -25.26
N LYS A 67 -15.88 0.23 -25.08
CA LYS A 67 -16.53 -0.09 -23.81
C LYS A 67 -16.25 -1.53 -23.40
N SER A 68 -15.01 -1.77 -22.98
CA SER A 68 -14.57 -3.09 -22.54
C SER A 68 -13.17 -2.99 -21.95
N VAL A 69 -12.98 -3.69 -20.83
CA VAL A 69 -11.68 -3.69 -20.15
C VAL A 69 -11.36 -5.08 -19.58
N TYR A 70 -10.07 -5.41 -19.53
CA TYR A 70 -9.65 -6.72 -19.01
C TYR A 70 -8.24 -6.67 -18.43
N VAL A 71 -8.13 -7.00 -17.15
CA VAL A 71 -6.83 -7.01 -16.49
C VAL A 71 -6.54 -8.37 -15.82
N GLU A 72 -5.31 -8.85 -15.97
CA GLU A 72 -4.91 -10.14 -15.41
C GLU A 72 -3.61 -9.99 -14.62
N LEU A 73 -3.69 -10.20 -13.31
CA LEU A 73 -2.53 -10.07 -12.45
C LEU A 73 -2.08 -11.41 -11.86
N ASP A 74 -0.77 -11.62 -11.88
CA ASP A 74 -0.14 -12.83 -11.35
C ASP A 74 0.72 -12.34 -10.22
N PHE A 75 0.33 -12.69 -9.02
CA PHE A 75 1.08 -12.27 -7.86
C PHE A 75 1.21 -13.47 -6.96
N GLU A 76 2.11 -13.37 -6.01
CA GLU A 76 2.30 -14.45 -5.08
C GLU A 76 2.24 -13.89 -3.66
N VAL A 77 1.50 -14.59 -2.81
CA VAL A 77 1.35 -14.18 -1.44
C VAL A 77 1.69 -15.34 -0.54
N ASN A 78 2.65 -15.11 0.33
CA ASN A 78 3.08 -16.09 1.31
C ASN A 78 3.21 -17.51 0.78
N GLY A 79 4.07 -17.67 -0.23
CA GLY A 79 4.31 -18.98 -0.79
C GLY A 79 3.32 -19.53 -1.81
N ASN A 80 2.23 -18.82 -2.07
CA ASN A 80 1.24 -19.31 -3.03
C ASN A 80 1.20 -18.47 -4.30
N ASN A 81 0.93 -19.11 -5.44
CA ASN A 81 0.84 -18.39 -6.71
C ASN A 81 -0.59 -18.10 -7.08
N TYR A 82 -0.90 -16.83 -7.25
CA TYR A 82 -2.27 -16.47 -7.61
C TYR A 82 -2.37 -15.78 -8.95
N LYS A 83 -3.51 -15.96 -9.57
CA LYS A 83 -3.80 -15.35 -10.86
C LYS A 83 -5.20 -14.81 -10.68
N ILE A 84 -5.30 -13.49 -10.66
CA ILE A 84 -6.57 -12.83 -10.49
C ILE A 84 -6.93 -12.25 -11.85
N ILE A 85 -8.17 -12.46 -12.27
CA ILE A 85 -8.65 -11.93 -13.54
C ILE A 85 -9.95 -11.20 -13.32
N ARG A 86 -9.95 -9.93 -13.66
CA ARG A 86 -11.08 -9.04 -13.47
C ARG A 86 -11.40 -8.43 -14.84
N GLU A 87 -12.67 -8.43 -15.22
CA GLU A 87 -13.08 -7.89 -16.52
C GLU A 87 -14.48 -7.29 -16.51
N TYR A 88 -14.73 -6.43 -17.49
CA TYR A 88 -16.02 -5.78 -17.63
C TYR A 88 -16.28 -5.41 -19.08
N ASP A 89 -17.44 -5.84 -19.58
CA ASP A 89 -17.83 -5.54 -20.94
C ASP A 89 -19.32 -5.23 -21.00
N SER A 90 -19.65 -4.06 -21.50
CA SER A 90 -21.04 -3.62 -21.64
C SER A 90 -21.91 -4.01 -20.44
N GLY A 91 -21.71 -3.34 -19.31
CA GLY A 91 -22.50 -3.63 -18.14
C GLY A 91 -22.24 -5.00 -17.52
N ARG A 92 -21.58 -5.88 -18.26
CA ARG A 92 -21.29 -7.22 -17.75
C ARG A 92 -19.90 -7.30 -17.12
N GLY A 93 -19.86 -7.56 -15.81
CA GLY A 93 -18.59 -7.69 -15.12
C GLY A 93 -18.37 -9.09 -14.57
N GLY A 94 -17.10 -9.49 -14.46
CA GLY A 94 -16.78 -10.80 -13.93
C GLY A 94 -15.42 -10.81 -13.27
N ALA A 95 -15.13 -11.87 -12.53
CA ALA A 95 -13.85 -11.98 -11.86
C ALA A 95 -13.55 -13.43 -11.57
N LYS A 96 -12.28 -13.82 -11.67
CA LYS A 96 -11.87 -15.19 -11.41
C LYS A 96 -10.55 -15.18 -10.66
N LEU A 97 -10.34 -16.18 -9.83
CA LEU A 97 -9.11 -16.26 -9.05
C LEU A 97 -8.56 -17.67 -9.02
N TYR A 98 -7.27 -17.79 -9.31
CA TYR A 98 -6.61 -19.09 -9.31
C TYR A 98 -5.52 -19.14 -8.26
N LYS A 99 -5.42 -20.29 -7.60
CA LYS A 99 -4.41 -20.48 -6.59
C LYS A 99 -3.61 -21.70 -7.01
N ASN A 100 -2.29 -21.53 -7.10
CA ASN A 100 -1.38 -22.58 -7.51
C ASN A 100 -1.86 -23.30 -8.77
N GLY A 101 -2.37 -22.51 -9.72
CA GLY A 101 -2.81 -23.06 -10.99
C GLY A 101 -4.16 -23.73 -11.09
N LYS A 102 -4.99 -23.58 -10.06
CA LYS A 102 -6.32 -24.18 -10.06
C LYS A 102 -7.37 -23.16 -9.61
N PRO A 103 -8.59 -23.23 -10.17
CA PRO A 103 -9.65 -22.30 -9.80
C PRO A 103 -9.90 -22.26 -8.30
N TYR A 104 -10.14 -21.06 -7.78
CA TYR A 104 -10.36 -20.88 -6.35
C TYR A 104 -11.67 -20.12 -6.12
N ALA A 105 -11.87 -19.07 -6.90
CA ALA A 105 -13.08 -18.24 -6.81
C ALA A 105 -13.54 -17.92 -8.22
N THR A 106 -14.85 -17.98 -8.46
CA THR A 106 -15.37 -17.72 -9.79
C THR A 106 -16.35 -16.56 -9.90
N THR A 107 -16.72 -15.98 -8.76
CA THR A 107 -17.68 -14.87 -8.80
C THR A 107 -17.15 -13.61 -8.12
N ILE A 108 -17.38 -12.48 -8.76
CA ILE A 108 -16.93 -11.18 -8.25
C ILE A 108 -16.94 -11.10 -6.74
N SER A 109 -18.00 -11.61 -6.14
CA SER A 109 -18.14 -11.59 -4.70
C SER A 109 -17.17 -12.57 -4.02
N ALA A 110 -17.18 -13.84 -4.46
CA ALA A 110 -16.29 -14.83 -3.86
C ALA A 110 -14.82 -14.50 -4.09
N VAL A 111 -14.54 -13.80 -5.19
CA VAL A 111 -13.17 -13.43 -5.48
C VAL A 111 -12.71 -12.39 -4.47
N ASN A 112 -13.61 -11.49 -4.12
CA ASN A 112 -13.31 -10.45 -3.14
C ASN A 112 -13.08 -11.08 -1.76
N LYS A 113 -14.03 -11.90 -1.33
CA LYS A 113 -13.92 -12.55 -0.02
C LYS A 113 -12.60 -13.29 0.09
N ALA A 114 -12.16 -13.86 -1.04
CA ALA A 114 -10.90 -14.61 -1.09
C ALA A 114 -9.70 -13.67 -1.03
N VAL A 115 -9.72 -12.62 -1.86
CA VAL A 115 -8.63 -11.67 -1.87
C VAL A 115 -8.41 -11.05 -0.49
N ASN A 116 -9.51 -10.64 0.13
CA ASN A 116 -9.44 -10.02 1.43
C ASN A 116 -8.86 -10.94 2.48
N GLU A 117 -9.15 -12.23 2.35
CA GLU A 117 -8.64 -13.22 3.29
C GLU A 117 -7.20 -13.63 2.98
N ILE A 118 -6.70 -13.28 1.79
CA ILE A 118 -5.33 -13.63 1.41
C ILE A 118 -4.36 -12.56 1.88
N LEU A 119 -4.78 -11.30 1.77
CA LEU A 119 -3.94 -10.17 2.17
C LEU A 119 -3.95 -9.98 3.69
N GLY A 120 -5.12 -10.17 4.29
CA GLY A 120 -5.27 -10.02 5.73
C GLY A 120 -5.38 -8.55 6.09
N VAL A 121 -5.72 -7.72 5.12
CA VAL A 121 -5.85 -6.28 5.31
C VAL A 121 -6.86 -5.74 4.31
N ASP A 122 -7.41 -4.57 4.58
CA ASP A 122 -8.39 -3.99 3.67
C ASP A 122 -7.71 -3.20 2.56
N ARG A 123 -8.49 -2.75 1.60
CA ARG A 123 -7.95 -2.01 0.47
C ARG A 123 -7.00 -0.87 0.82
N ASN A 124 -7.41 0.02 1.73
CA ASN A 124 -6.58 1.17 2.09
C ASN A 124 -5.33 0.85 2.90
N MET A 125 -5.46 -0.02 3.88
CA MET A 125 -4.31 -0.37 4.70
C MET A 125 -3.27 -1.06 3.82
N PHE A 126 -3.75 -1.84 2.85
CA PHE A 126 -2.88 -2.56 1.92
C PHE A 126 -2.17 -1.58 1.01
N LEU A 127 -2.91 -0.58 0.57
CA LEU A 127 -2.39 0.42 -0.33
C LEU A 127 -1.28 1.24 0.35
N ASN A 128 -1.40 1.51 1.64
CA ASN A 128 -0.37 2.28 2.35
C ASN A 128 0.84 1.41 2.69
N SER A 129 0.65 0.10 2.67
CA SER A 129 1.71 -0.85 2.99
C SER A 129 2.50 -1.24 1.74
N ILE A 130 2.12 -0.71 0.59
CA ILE A 130 2.81 -1.08 -0.64
C ILE A 130 3.04 0.07 -1.62
N TYR A 131 2.22 1.11 -1.54
CA TYR A 131 2.36 2.23 -2.46
C TYR A 131 2.73 3.53 -1.77
N ILE A 132 3.85 4.12 -2.14
CA ILE A 132 4.29 5.38 -1.56
C ILE A 132 4.09 6.47 -2.60
N LYS A 133 3.03 7.26 -2.40
CA LYS A 133 2.65 8.33 -3.31
C LYS A 133 3.71 9.37 -3.65
N GLN A 134 3.50 10.04 -4.78
CA GLN A 134 4.39 11.08 -5.26
C GLN A 134 4.60 12.20 -4.25
N GLY A 135 5.85 12.62 -4.08
CA GLY A 135 6.17 13.70 -3.17
C GLY A 135 6.08 13.43 -1.67
N GLU A 136 5.64 12.25 -1.26
CA GLU A 136 5.55 11.97 0.18
C GLU A 136 6.84 12.35 0.90
N ILE A 137 7.95 11.77 0.47
CA ILE A 137 9.20 12.08 1.12
C ILE A 137 9.51 13.56 1.20
N ALA A 138 9.42 14.26 0.08
CA ALA A 138 9.72 15.69 0.08
C ALA A 138 8.75 16.44 0.98
N LYS A 139 7.46 16.08 0.91
CA LYS A 139 6.47 16.74 1.74
C LYS A 139 6.73 16.49 3.22
N PHE A 140 7.07 15.25 3.57
CA PHE A 140 7.34 14.94 4.96
C PHE A 140 8.43 15.85 5.49
N LEU A 141 9.52 15.95 4.74
CA LEU A 141 10.64 16.79 5.16
C LEU A 141 10.27 18.27 5.20
N SER A 142 9.17 18.63 4.54
CA SER A 142 8.73 20.02 4.48
C SER A 142 7.90 20.38 5.70
N LEU A 143 7.09 19.43 6.17
CA LEU A 143 6.23 19.66 7.33
C LEU A 143 6.99 20.11 8.57
N LYS A 144 6.26 20.74 9.48
CA LYS A 144 6.81 21.22 10.76
C LYS A 144 6.72 20.09 11.78
N PRO A 145 7.71 19.97 12.68
CA PRO A 145 7.74 18.93 13.69
C PRO A 145 6.38 18.39 14.15
N SER A 146 5.45 19.28 14.48
CA SER A 146 4.12 18.84 14.93
C SER A 146 3.31 18.22 13.79
N GLU A 147 3.60 18.62 12.55
CA GLU A 147 2.90 18.08 11.38
C GLU A 147 3.42 16.67 11.05
N LYS A 148 4.71 16.46 11.29
CA LYS A 148 5.30 15.15 11.03
C LYS A 148 4.55 14.07 11.81
N LEU A 149 4.34 14.31 13.10
CA LEU A 149 3.63 13.35 13.92
C LEU A 149 2.21 13.19 13.36
N GLU A 150 1.67 14.27 12.80
CA GLU A 150 0.34 14.24 12.22
C GLU A 150 0.25 13.19 11.11
N THR A 151 1.14 13.31 10.14
CA THR A 151 1.12 12.39 9.01
C THR A 151 1.31 10.94 9.45
N VAL A 152 2.15 10.71 10.46
CA VAL A 152 2.33 9.33 10.92
C VAL A 152 0.97 8.82 11.42
N ALA A 153 0.30 9.63 12.22
CA ALA A 153 -1.01 9.27 12.75
C ALA A 153 -1.95 8.87 11.62
N LYS A 154 -1.95 9.63 10.53
CA LYS A 154 -2.79 9.34 9.36
C LYS A 154 -2.49 7.99 8.71
N LEU A 155 -1.23 7.77 8.37
CA LEU A 155 -0.81 6.52 7.74
C LEU A 155 -1.28 5.30 8.54
N LEU A 156 -1.24 5.40 9.87
CA LEU A 156 -1.67 4.32 10.74
C LEU A 156 -3.20 4.20 10.77
N GLY A 157 -3.88 5.26 10.35
CA GLY A 157 -5.34 5.26 10.31
C GLY A 157 -6.07 5.50 11.62
N ILE A 158 -5.43 6.20 12.55
CA ILE A 158 -6.03 6.49 13.85
C ILE A 158 -7.48 7.02 13.82
N ASP A 159 -7.94 7.49 12.65
CA ASP A 159 -9.32 7.98 12.52
C ASP A 159 -10.29 6.80 12.52
N GLU A 160 -10.65 6.32 13.70
CA GLU A 160 -11.57 5.19 13.85
C GLU A 160 -12.68 5.48 14.85
N PHE A 161 -13.92 5.39 14.38
CA PHE A 161 -15.07 5.62 15.24
C PHE A 161 -16.00 4.42 15.15
N GLU A 162 -15.80 3.48 16.06
CA GLU A 162 -16.58 2.25 16.12
C GLU A 162 -18.06 2.49 16.44
N LYS A 163 -18.54 3.71 16.20
CA LYS A 163 -19.94 4.03 16.45
C LYS A 163 -20.82 3.22 15.50
N CYS A 164 -20.18 2.58 14.52
CA CYS A 164 -20.90 1.76 13.55
C CYS A 164 -21.72 0.73 14.31
N TYR A 165 -21.21 0.31 15.46
CA TYR A 165 -21.90 -0.67 16.29
C TYR A 165 -23.31 -0.20 16.58
N GLN A 166 -23.53 1.09 16.39
CA GLN A 166 -24.85 1.66 16.60
C GLN A 166 -25.77 0.80 15.74
N LYS A 167 -25.63 0.96 14.42
CA LYS A 167 -26.42 0.22 13.46
C LYS A 167 -26.19 -1.28 13.69
N MET A 168 -24.96 -1.62 14.07
CA MET A 168 -24.57 -3.00 14.32
C MET A 168 -25.39 -3.67 15.41
N GLY A 169 -25.11 -3.32 16.66
CA GLY A 169 -25.81 -3.92 17.78
C GLY A 169 -27.31 -3.73 17.75
N GLU A 170 -27.81 -2.87 16.86
CA GLU A 170 -29.25 -2.62 16.78
C GLU A 170 -29.96 -3.39 15.64
N ILE A 171 -29.47 -3.27 14.41
CA ILE A 171 -30.11 -3.98 13.30
C ILE A 171 -30.08 -5.48 13.60
N VAL A 172 -29.11 -5.90 14.39
CA VAL A 172 -28.98 -7.31 14.76
C VAL A 172 -29.62 -7.52 16.14
N LYS A 173 -30.40 -6.53 16.59
CA LYS A 173 -31.08 -6.58 17.88
C LYS A 173 -32.57 -6.87 17.70
N GLU A 174 -33.24 -5.93 17.03
CA GLU A 174 -34.67 -6.02 16.73
C GLU A 174 -35.01 -7.38 16.15
N TYR A 175 -33.99 -8.05 15.61
CA TYR A 175 -34.16 -9.37 15.02
C TYR A 175 -34.84 -10.29 16.03
N GLU A 176 -34.84 -9.85 17.30
CA GLU A 176 -35.44 -10.63 18.37
C GLU A 176 -36.84 -10.16 18.78
N LYS A 177 -37.26 -9.02 18.24
CA LYS A 177 -38.60 -8.50 18.54
C LYS A 177 -39.54 -9.38 17.73
N ARG A 178 -38.95 -10.14 16.80
CA ARG A 178 -39.67 -11.06 15.94
C ARG A 178 -39.45 -12.48 16.46
N LEU A 179 -38.86 -12.56 17.65
CA LEU A 179 -38.59 -13.84 18.32
C LEU A 179 -39.38 -13.87 19.63
N GLU A 180 -40.01 -12.75 19.96
CA GLU A 180 -40.79 -12.63 21.19
C GLU A 180 -42.29 -12.76 20.96
N ARG A 181 -42.68 -13.00 19.71
CA ARG A 181 -44.09 -13.14 19.38
C ARG A 181 -44.45 -14.63 19.30
N ILE A 182 -44.38 -15.30 20.45
CA ILE A 182 -44.69 -16.73 20.56
C ILE A 182 -44.19 -17.50 19.34
N GLU A 206 -33.25 -21.69 21.68
CA GLU A 206 -32.55 -21.93 20.42
C GLU A 206 -31.94 -20.66 19.80
N LYS A 207 -32.81 -19.73 19.37
CA LYS A 207 -32.36 -18.46 18.77
C LYS A 207 -31.71 -17.56 19.79
N GLU A 208 -31.38 -18.14 20.95
CA GLU A 208 -30.73 -17.42 22.05
C GLU A 208 -29.31 -17.01 21.68
N LYS A 209 -28.68 -17.78 20.80
CA LYS A 209 -27.30 -17.49 20.38
C LYS A 209 -27.22 -16.07 19.82
N LEU A 210 -28.30 -15.62 19.20
CA LEU A 210 -28.37 -14.28 18.62
C LEU A 210 -28.23 -13.21 19.70
N THR A 211 -28.32 -13.63 20.97
CA THR A 211 -28.18 -12.70 22.10
C THR A 211 -26.75 -12.79 22.58
N LYS A 212 -26.26 -14.02 22.69
CA LYS A 212 -24.91 -14.28 23.14
C LYS A 212 -23.90 -13.39 22.44
N PHE A 213 -24.11 -13.12 21.14
CA PHE A 213 -23.16 -12.28 20.44
C PHE A 213 -23.52 -10.79 20.45
N VAL A 214 -24.77 -10.46 20.82
CA VAL A 214 -25.17 -9.06 20.89
C VAL A 214 -24.50 -8.52 22.16
N GLU A 215 -24.20 -9.45 23.06
CA GLU A 215 -23.54 -9.09 24.30
C GLU A 215 -22.06 -8.89 24.03
N TYR A 216 -21.43 -9.86 23.36
CA TYR A 216 -20.02 -9.74 23.05
C TYR A 216 -19.79 -8.48 22.22
N LEU A 217 -20.88 -7.93 21.67
CA LEU A 217 -20.80 -6.70 20.90
C LEU A 217 -20.73 -5.51 21.85
N ASP A 218 -21.49 -5.60 22.93
CA ASP A 218 -21.46 -4.53 23.92
C ASP A 218 -20.18 -4.66 24.72
N LYS A 219 -19.95 -5.83 25.30
CA LYS A 219 -18.75 -6.08 26.09
C LYS A 219 -17.53 -5.49 25.40
N VAL A 220 -17.57 -5.44 24.07
CA VAL A 220 -16.48 -4.88 23.27
C VAL A 220 -16.61 -3.37 23.15
N ARG A 221 -17.71 -2.92 22.54
CA ARG A 221 -17.94 -1.49 22.37
C ARG A 221 -17.90 -0.79 23.72
N ARG A 222 -18.10 -1.56 24.78
CA ARG A 222 -18.14 -1.07 26.15
C ARG A 222 -16.76 -0.87 26.79
N ILE A 223 -15.70 -1.32 26.13
CA ILE A 223 -14.35 -1.17 26.68
C ILE A 223 -13.51 -0.14 25.92
N PHE A 224 -14.01 0.32 24.79
CA PHE A 224 -13.29 1.31 23.99
C PHE A 224 -13.74 2.73 24.25
N GLY A 225 -15.03 2.98 24.09
CA GLY A 225 -15.58 4.30 24.32
C GLY A 225 -15.28 5.32 23.24
N ARG A 226 -14.76 4.87 22.11
CA ARG A 226 -14.45 5.76 20.99
C ARG A 226 -13.16 6.56 21.15
N ASN A 227 -12.58 6.54 22.36
CA ASN A 227 -11.35 7.28 22.61
C ASN A 227 -10.23 6.40 23.13
N GLY A 228 -10.55 5.13 23.38
CA GLY A 228 -9.54 4.21 23.87
C GLY A 228 -8.89 3.46 22.74
N PHE A 229 -9.56 3.42 21.59
CA PHE A 229 -9.06 2.72 20.41
C PHE A 229 -7.76 3.31 19.89
N GLN A 230 -7.54 4.60 20.17
CA GLN A 230 -6.32 5.27 19.75
C GLN A 230 -5.21 4.92 20.73
N ALA A 231 -5.52 5.03 22.02
CA ALA A 231 -4.56 4.72 23.06
C ALA A 231 -4.02 3.32 22.80
N TYR A 232 -4.81 2.51 22.11
CA TYR A 232 -4.43 1.14 21.77
C TYR A 232 -3.46 1.08 20.61
N LEU A 233 -3.89 1.61 19.46
CA LEU A 233 -3.08 1.63 18.26
C LEU A 233 -1.65 2.08 18.54
N ARG A 234 -1.49 3.08 19.39
CA ARG A 234 -0.16 3.58 19.73
C ARG A 234 0.64 2.50 20.44
N GLU A 235 -0.07 1.54 21.03
CA GLU A 235 0.55 0.46 21.76
C GLU A 235 0.98 -0.66 20.82
N LYS A 236 0.15 -0.88 19.79
CA LYS A 236 0.39 -1.92 18.80
C LYS A 236 1.48 -1.55 17.79
N TYR A 237 1.35 -0.36 17.20
CA TYR A 237 2.28 0.09 16.17
C TYR A 237 3.63 0.62 16.62
N VAL A 238 3.64 1.69 17.42
CA VAL A 238 4.88 2.29 17.90
C VAL A 238 5.98 1.26 18.16
N PRO A 239 5.69 0.24 18.97
CA PRO A 239 6.73 -0.75 19.23
C PRO A 239 7.32 -1.27 17.90
N LEU A 240 6.43 -1.69 17.01
CA LEU A 240 6.78 -2.22 15.69
C LEU A 240 7.60 -1.24 14.88
N ILE A 241 7.03 -0.06 14.63
CA ILE A 241 7.70 0.96 13.85
C ILE A 241 9.11 1.20 14.36
N GLN A 242 9.29 1.32 15.67
CA GLN A 242 10.61 1.57 16.23
C GLN A 242 11.57 0.42 15.90
N LYS A 243 11.06 -0.80 15.96
CA LYS A 243 11.85 -2.00 15.66
C LYS A 243 12.44 -1.93 14.23
N TYR A 244 11.57 -1.67 13.27
CA TYR A 244 11.96 -1.61 11.85
C TYR A 244 12.81 -0.38 11.54
N LEU A 245 12.43 0.74 12.10
CA LEU A 245 13.16 1.98 11.90
C LEU A 245 14.63 1.71 12.22
N ASN A 246 14.87 0.97 13.30
CA ASN A 246 16.24 0.64 13.69
C ASN A 246 16.93 -0.26 12.69
N GLU A 247 16.18 -1.21 12.12
CA GLU A 247 16.72 -2.13 11.12
C GLU A 247 17.05 -1.34 9.86
N ALA A 248 16.15 -0.44 9.50
CA ALA A 248 16.38 0.38 8.33
C ALA A 248 17.68 1.12 8.56
N PHE A 249 17.87 1.65 9.77
CA PHE A 249 19.09 2.38 10.05
C PHE A 249 20.36 1.60 9.75
N SER A 250 20.38 0.33 10.13
CA SER A 250 21.53 -0.52 9.89
C SER A 250 21.72 -0.78 8.40
N GLU A 251 20.62 -1.09 7.73
CA GLU A 251 20.65 -1.34 6.30
C GLU A 251 21.20 -0.11 5.58
N PHE A 252 20.72 1.06 5.98
CA PHE A 252 21.12 2.30 5.36
C PHE A 252 22.40 2.88 5.96
N ASP A 253 23.02 2.14 6.87
CA ASP A 253 24.27 2.55 7.50
C ASP A 253 24.29 3.86 8.27
N LEU A 254 23.16 4.28 8.82
CA LEU A 254 23.15 5.50 9.61
C LEU A 254 23.99 5.27 10.88
N PRO A 255 24.83 6.25 11.26
CA PRO A 255 25.71 6.19 12.44
C PRO A 255 25.00 6.37 13.80
N TYR A 256 23.87 5.69 14.01
CA TYR A 256 23.15 5.83 15.27
C TYR A 256 22.58 4.51 15.80
N SER A 257 23.20 3.98 16.84
CA SER A 257 22.81 2.73 17.47
C SER A 257 21.34 2.60 17.87
N PHE A 258 20.72 3.70 18.29
CA PHE A 258 19.33 3.60 18.71
C PHE A 258 18.45 4.72 18.19
N VAL A 259 17.25 4.36 17.74
CA VAL A 259 16.28 5.32 17.23
C VAL A 259 14.98 5.11 17.99
N GLU A 260 14.54 6.13 18.70
CA GLU A 260 13.35 6.03 19.50
C GLU A 260 12.12 6.58 18.78
N LEU A 261 10.95 6.04 19.09
CA LEU A 261 9.71 6.53 18.50
C LEU A 261 8.68 6.71 19.61
N THR A 262 8.59 7.93 20.14
CA THR A 262 7.64 8.24 21.21
C THR A 262 6.25 7.75 20.87
N LYS A 263 5.37 7.71 21.87
CA LYS A 263 4.01 7.25 21.65
C LYS A 263 3.20 8.32 20.92
N ASP A 264 3.88 9.40 20.55
CA ASP A 264 3.23 10.49 19.83
C ASP A 264 3.78 10.52 18.41
N PHE A 265 4.63 9.54 18.10
CA PHE A 265 5.24 9.37 16.79
C PHE A 265 6.39 10.33 16.49
N GLU A 266 7.12 10.75 17.52
CA GLU A 266 8.25 11.64 17.30
C GLU A 266 9.52 10.82 17.17
N VAL A 267 10.31 11.10 16.14
CA VAL A 267 11.54 10.39 15.92
C VAL A 267 12.67 11.04 16.70
N ARG A 268 13.31 10.24 17.56
CA ARG A 268 14.41 10.71 18.38
C ARG A 268 15.65 9.91 18.07
N VAL A 269 16.61 10.54 17.42
CA VAL A 269 17.83 9.85 17.10
C VAL A 269 18.80 10.03 18.25
N HIS A 270 19.17 8.93 18.88
CA HIS A 270 20.11 8.98 19.99
C HIS A 270 21.54 9.02 19.43
N ALA A 271 22.01 10.23 19.18
CA ALA A 271 23.35 10.47 18.66
C ALA A 271 24.31 10.46 19.84
N PRO A 272 25.62 10.72 19.58
CA PRO A 272 26.60 10.73 20.68
C PRO A 272 26.42 11.80 21.75
N ASN A 273 26.14 13.02 21.32
CA ASN A 273 26.00 14.15 22.25
C ASN A 273 24.58 14.52 22.69
N GLY A 274 23.62 13.60 22.50
CA GLY A 274 22.25 13.87 22.90
C GLY A 274 21.22 13.66 21.82
N VAL A 275 19.99 13.35 22.22
CA VAL A 275 18.88 13.11 21.30
C VAL A 275 18.76 14.19 20.22
N LEU A 276 18.40 13.76 19.01
CA LEU A 276 18.22 14.65 17.86
C LEU A 276 16.88 14.37 17.18
N THR A 277 16.33 15.37 16.51
CA THR A 277 15.08 15.21 15.78
C THR A 277 15.39 15.26 14.28
N ILE A 278 14.57 14.62 13.46
CA ILE A 278 14.82 14.61 12.02
C ILE A 278 15.35 15.96 11.57
N ASP A 279 14.67 17.02 12.02
CA ASP A 279 15.04 18.39 11.67
C ASP A 279 16.47 18.78 12.05
N ASN A 280 17.08 18.05 12.99
CA ASN A 280 18.44 18.37 13.40
C ASN A 280 19.47 17.73 12.50
N LEU A 281 19.04 16.88 11.59
CA LEU A 281 19.97 16.18 10.70
C LEU A 281 20.25 16.86 9.37
N SER A 282 21.31 16.38 8.72
CA SER A 282 21.74 16.88 7.41
C SER A 282 20.74 16.44 6.35
N GLY A 283 20.68 17.21 5.26
CA GLY A 283 19.78 16.88 4.17
C GLY A 283 19.80 15.41 3.82
N GLY A 284 21.01 14.88 3.63
CA GLY A 284 21.17 13.48 3.28
C GLY A 284 20.58 12.55 4.33
N GLU A 285 20.94 12.78 5.59
CA GLU A 285 20.44 11.94 6.67
C GLU A 285 18.92 12.04 6.86
N GLN A 286 18.34 13.20 6.53
CA GLN A 286 16.91 13.39 6.67
C GLN A 286 16.17 12.51 5.66
N ILE A 287 16.75 12.39 4.46
CA ILE A 287 16.16 11.56 3.41
C ILE A 287 16.15 10.11 3.90
N ALA A 288 17.28 9.66 4.44
CA ALA A 288 17.41 8.30 4.94
C ALA A 288 16.36 8.01 6.00
N VAL A 289 16.25 8.89 6.99
CA VAL A 289 15.27 8.71 8.07
C VAL A 289 13.83 8.68 7.55
N ALA A 290 13.49 9.62 6.67
CA ALA A 290 12.14 9.68 6.10
C ALA A 290 11.83 8.38 5.36
N LEU A 291 12.76 7.91 4.55
CA LEU A 291 12.51 6.67 3.82
C LEU A 291 12.39 5.55 4.84
N SER A 292 13.30 5.54 5.81
CA SER A 292 13.29 4.53 6.85
C SER A 292 11.95 4.49 7.60
N LEU A 293 11.41 5.67 7.91
CA LEU A 293 10.15 5.76 8.63
C LEU A 293 8.97 5.28 7.81
N ARG A 294 8.86 5.74 6.57
CA ARG A 294 7.76 5.35 5.70
C ARG A 294 7.78 3.84 5.44
N LEU A 295 8.97 3.24 5.50
CA LEU A 295 9.10 1.82 5.29
C LEU A 295 8.69 1.09 6.55
N ALA A 296 9.18 1.56 7.68
CA ALA A 296 8.86 0.95 8.97
C ALA A 296 7.35 0.96 9.22
N ILE A 297 6.67 2.00 8.73
CA ILE A 297 5.23 2.12 8.90
C ILE A 297 4.53 1.07 8.04
N ALA A 298 4.99 0.92 6.80
CA ALA A 298 4.40 -0.06 5.89
C ALA A 298 4.49 -1.46 6.49
N ASN A 299 5.62 -1.77 7.11
CA ASN A 299 5.80 -3.08 7.75
C ASN A 299 4.83 -3.20 8.91
N ALA A 300 4.68 -2.10 9.65
CA ALA A 300 3.79 -2.06 10.80
C ALA A 300 2.32 -2.29 10.43
N LEU A 301 1.87 -1.68 9.33
CA LEU A 301 0.49 -1.86 8.88
C LEU A 301 0.16 -3.34 8.63
N ILE A 302 1.10 -4.11 8.09
CA ILE A 302 0.87 -5.52 7.83
C ILE A 302 1.52 -6.44 8.84
N GLY A 303 2.16 -5.87 9.85
CA GLY A 303 2.81 -6.70 10.85
C GLY A 303 3.79 -7.72 10.29
N ASN A 304 4.52 -7.34 9.25
CA ASN A 304 5.50 -8.19 8.58
C ASN A 304 6.42 -7.32 7.75
N ARG A 305 7.59 -7.82 7.42
CA ARG A 305 8.50 -7.05 6.59
C ARG A 305 7.94 -7.12 5.17
N VAL A 306 7.66 -5.96 4.60
CA VAL A 306 7.10 -5.89 3.27
C VAL A 306 7.91 -6.68 2.25
N GLU A 307 7.22 -7.33 1.31
CA GLU A 307 7.83 -8.13 0.25
C GLU A 307 8.05 -7.26 -0.99
N CYS A 308 7.11 -6.35 -1.17
CA CYS A 308 7.12 -5.43 -2.28
C CYS A 308 6.73 -4.02 -1.84
N ILE A 309 7.42 -3.02 -2.38
CA ILE A 309 7.12 -1.64 -2.06
C ILE A 309 7.23 -0.87 -3.37
N ILE A 310 6.23 -0.05 -3.67
CA ILE A 310 6.23 0.74 -4.89
C ILE A 310 6.34 2.23 -4.56
N LEU A 311 7.39 2.87 -5.05
CA LEU A 311 7.62 4.29 -4.82
C LEU A 311 7.31 5.05 -6.10
N ASP A 312 6.35 5.96 -6.07
CA ASP A 312 6.02 6.72 -7.28
C ASP A 312 6.66 8.11 -7.29
N GLU A 313 7.49 8.37 -8.30
CA GLU A 313 8.20 9.64 -8.44
C GLU A 313 8.70 10.10 -7.07
N PRO A 314 9.48 9.24 -6.38
CA PRO A 314 10.00 9.61 -5.06
C PRO A 314 11.02 10.75 -5.01
N THR A 315 11.59 11.14 -6.16
CA THR A 315 12.60 12.19 -6.13
C THR A 315 12.07 13.52 -6.63
N VAL A 316 10.75 13.60 -6.82
CA VAL A 316 10.14 14.84 -7.27
C VAL A 316 10.15 15.80 -6.08
N TYR A 317 10.36 17.09 -6.36
CA TYR A 317 10.41 18.12 -5.33
C TYR A 317 11.69 18.04 -4.50
N LEU A 318 12.67 17.28 -4.97
CA LEU A 318 13.94 17.16 -4.27
C LEU A 318 15.01 17.81 -5.13
N ASP A 319 15.86 18.65 -4.52
CA ASP A 319 16.90 19.32 -5.29
C ASP A 319 17.92 18.28 -5.76
N GLU A 320 18.81 18.69 -6.65
CA GLU A 320 19.79 17.76 -7.20
C GLU A 320 20.59 17.01 -6.13
N ASN A 321 20.87 17.67 -5.01
CA ASN A 321 21.63 17.04 -3.93
C ASN A 321 20.87 15.86 -3.35
N ARG A 322 19.72 16.15 -2.74
CA ARG A 322 18.87 15.15 -2.10
C ARG A 322 18.41 14.03 -3.04
N ARG A 323 18.43 14.28 -4.34
CA ARG A 323 18.03 13.26 -5.30
C ARG A 323 19.16 12.23 -5.32
N ALA A 324 20.39 12.73 -5.37
CA ALA A 324 21.57 11.89 -5.40
C ALA A 324 21.64 11.01 -4.15
N LYS A 325 21.35 11.62 -3.01
CA LYS A 325 21.36 10.91 -1.73
C LYS A 325 20.40 9.74 -1.79
N LEU A 326 19.16 10.02 -2.17
CA LEU A 326 18.15 8.98 -2.25
C LEU A 326 18.59 7.90 -3.23
N ALA A 327 19.25 8.33 -4.30
CA ALA A 327 19.73 7.41 -5.31
C ALA A 327 20.68 6.39 -4.69
N GLU A 328 21.65 6.87 -3.90
CA GLU A 328 22.60 5.95 -3.29
C GLU A 328 21.93 5.15 -2.17
N ILE A 329 20.89 5.70 -1.56
CA ILE A 329 20.20 4.95 -0.51
C ILE A 329 19.42 3.81 -1.16
N PHE A 330 18.83 4.09 -2.31
CA PHE A 330 18.09 3.06 -3.02
C PHE A 330 19.02 1.86 -3.24
N ARG A 331 20.23 2.16 -3.69
CA ARG A 331 21.21 1.12 -3.94
C ARG A 331 21.52 0.24 -2.72
N LYS A 332 21.27 0.74 -1.51
CA LYS A 332 21.54 -0.05 -0.31
C LYS A 332 20.32 -0.83 0.16
N VAL A 333 19.20 -0.69 -0.55
CA VAL A 333 17.98 -1.40 -0.21
C VAL A 333 18.09 -2.85 -0.67
N LYS A 334 18.34 -3.76 0.27
CA LYS A 334 18.44 -5.16 -0.10
C LYS A 334 17.47 -5.98 0.75
N SER A 335 17.07 -5.41 1.88
CA SER A 335 16.14 -6.06 2.81
C SER A 335 14.75 -6.32 2.21
N ILE A 336 14.39 -5.57 1.16
CA ILE A 336 13.09 -5.75 0.51
C ILE A 336 13.27 -6.50 -0.82
N PRO A 337 12.61 -7.66 -0.95
CA PRO A 337 12.70 -8.50 -2.15
C PRO A 337 12.41 -7.83 -3.48
N GLN A 338 11.39 -6.96 -3.49
CA GLN A 338 11.00 -6.27 -4.72
C GLN A 338 10.67 -4.81 -4.48
N MET A 339 11.44 -3.92 -5.10
CA MET A 339 11.18 -2.51 -4.95
C MET A 339 11.04 -1.88 -6.31
N ILE A 340 9.85 -1.36 -6.56
CA ILE A 340 9.49 -0.72 -7.81
C ILE A 340 9.51 0.78 -7.66
N ILE A 341 10.35 1.42 -8.47
CA ILE A 341 10.50 2.87 -8.50
C ILE A 341 10.01 3.39 -9.84
N ILE A 342 8.97 4.24 -9.82
CA ILE A 342 8.41 4.83 -11.03
C ILE A 342 8.98 6.23 -11.14
N THR A 343 9.47 6.60 -12.32
CA THR A 343 10.08 7.91 -12.48
C THR A 343 10.14 8.36 -13.93
N HIS A 344 10.43 9.64 -14.13
CA HIS A 344 10.59 10.18 -15.47
C HIS A 344 12.03 10.62 -15.54
N HIS A 345 12.76 10.38 -14.46
CA HIS A 345 14.17 10.74 -14.42
C HIS A 345 14.91 9.52 -14.84
N ARG A 346 15.59 9.59 -15.99
CA ARG A 346 16.32 8.44 -16.47
C ARG A 346 17.62 8.14 -15.72
N GLU A 347 18.17 9.11 -15.00
CA GLU A 347 19.41 8.87 -14.28
C GLU A 347 19.21 7.76 -13.26
N LEU A 348 18.01 7.65 -12.70
CA LEU A 348 17.71 6.64 -11.69
C LEU A 348 17.81 5.22 -12.25
N GLU A 349 18.08 5.15 -13.55
CA GLU A 349 18.25 3.90 -14.26
C GLU A 349 19.50 3.19 -13.74
N ASP A 350 20.44 3.97 -13.23
CA ASP A 350 21.69 3.45 -12.69
C ASP A 350 21.53 2.85 -11.30
N VAL A 351 20.31 2.57 -10.89
CA VAL A 351 20.04 2.00 -9.58
C VAL A 351 19.25 0.72 -9.69
N ALA A 352 18.50 0.59 -10.79
CA ALA A 352 17.66 -0.57 -11.03
C ALA A 352 18.38 -1.81 -11.54
N ASP A 353 17.78 -2.96 -11.27
CA ASP A 353 18.29 -4.24 -11.69
C ASP A 353 17.57 -4.56 -12.98
N VAL A 354 16.39 -3.96 -13.14
CA VAL A 354 15.56 -4.15 -14.33
C VAL A 354 15.00 -2.81 -14.73
N ILE A 355 14.80 -2.60 -16.01
CA ILE A 355 14.28 -1.33 -16.49
C ILE A 355 13.14 -1.51 -17.46
N ILE A 356 12.00 -0.92 -17.10
CA ILE A 356 10.82 -1.01 -17.94
C ILE A 356 10.50 0.37 -18.50
N ASN A 357 10.82 0.57 -19.77
CA ASN A 357 10.57 1.83 -20.45
C ASN A 357 9.12 1.90 -20.87
N VAL A 358 8.54 3.10 -20.76
CA VAL A 358 7.16 3.33 -21.13
C VAL A 358 7.09 4.56 -22.03
N LYS A 359 6.54 4.39 -23.23
CA LYS A 359 6.39 5.49 -24.19
C LYS A 359 4.95 5.55 -24.64
N LYS A 360 4.41 6.76 -24.71
CA LYS A 360 3.02 6.94 -25.13
C LYS A 360 3.05 7.27 -26.60
N ASP A 361 2.24 6.54 -27.36
CA ASP A 361 2.16 6.72 -28.81
C ASP A 361 0.79 7.32 -29.17
N GLY A 362 0.66 8.63 -29.05
CA GLY A 362 -0.59 9.30 -29.35
C GLY A 362 -1.80 8.57 -28.82
N ASN A 363 -1.93 8.55 -27.49
CA ASN A 363 -3.04 7.91 -26.79
C ASN A 363 -2.91 6.44 -26.39
N VAL A 364 -1.86 5.76 -26.83
CA VAL A 364 -1.69 4.36 -26.45
C VAL A 364 -0.30 4.08 -25.90
N SER A 365 -0.25 3.64 -24.64
CA SER A 365 1.02 3.34 -24.00
C SER A 365 1.70 2.10 -24.57
N LYS A 366 3.03 2.13 -24.55
CA LYS A 366 3.79 1.01 -25.05
C LYS A 366 4.87 0.72 -24.01
N VAL A 367 5.00 -0.54 -23.63
CA VAL A 367 5.99 -0.94 -22.64
C VAL A 367 7.11 -1.75 -23.30
N LYS A 368 8.35 -1.51 -22.89
CA LYS A 368 9.48 -2.24 -23.44
C LYS A 368 10.59 -2.38 -22.39
N ILE A 369 10.99 -3.63 -22.17
CA ILE A 369 12.00 -3.97 -21.18
C ILE A 369 13.45 -4.00 -21.65
N ASN A 370 13.99 -2.84 -21.98
CA ASN A 370 15.38 -2.78 -22.42
C ASN A 370 16.09 -1.63 -21.71
N GLY A 371 17.37 -1.44 -22.02
CA GLY A 371 18.12 -0.38 -21.37
C GLY A 371 18.81 -0.89 -20.11
PB ADP B . 2.02 8.37 -15.57
O1B ADP B . 1.23 8.42 -14.34
O2B ADP B . 3.28 7.42 -15.38
O3B ADP B . 2.58 9.81 -15.96
PA ADP B . -0.14 8.75 -16.88
O1A ADP B . -1.04 8.39 -15.74
O2A ADP B . 0.27 10.32 -16.78
O3A ADP B . 1.11 7.78 -16.77
O5' ADP B . -1.01 8.42 -18.21
C5' ADP B . -1.92 9.52 -18.30
C4' ADP B . -2.77 9.49 -19.56
O4' ADP B . -3.73 8.41 -19.57
C3' ADP B . -3.59 10.78 -19.64
O3' ADP B . -2.88 11.75 -20.42
C2' ADP B . -4.92 10.38 -20.25
O2' ADP B . -5.16 11.09 -21.49
C1' ADP B . -4.81 8.86 -20.46
N9 ADP B . -6.08 8.27 -20.07
C8 ADP B . -6.66 8.28 -18.83
N7 ADP B . -7.79 7.66 -18.86
C5 ADP B . -8.02 7.20 -20.11
C6 ADP B . -9.05 6.47 -20.75
N6 ADP B . -10.17 6.05 -20.03
N1 ADP B . -8.93 6.19 -22.07
C2 ADP B . -7.86 6.58 -22.79
N3 ADP B . -6.87 7.28 -22.23
C4 ADP B . -6.91 7.59 -20.91
MG MG C . 2.75 8.20 -12.16
MG MG D . 11.60 10.22 -9.17
#